data_8HN4
#
_entry.id   8HN4
#
_cell.length_a   49.066
_cell.length_b   67.246
_cell.length_c   116.790
_cell.angle_alpha   90.00
_cell.angle_beta   90.00
_cell.angle_gamma   90.00
#
_symmetry.space_group_name_H-M   'P 21 21 21'
#
loop_
_entity.id
_entity.type
_entity.pdbx_description
1 polymer 'MHC class I antigen'
2 polymer Beta-2-microglobulin
3 polymer 'SARS-CoV-2 T-cell epitope QYIKWPWYI'
#
loop_
_entity_poly.entity_id
_entity_poly.type
_entity_poly.pdbx_seq_one_letter_code
_entity_poly.pdbx_strand_id
1 'polypeptide(L)'
;MNSVDGSHSMRYFSTSVSRPGRGEPRFIAVGYVDDTQFVRFDSDAASQRMEPRAPWIEQEGPEYWDEETGKVKAHSQTDR
ENLRIALRYYNQSEAGSHTLQMMFGCDVGSDGRFLRGYHQYAYDGKDYIALKEDLRSWTAADMAAQITKRKWEAAHVAEQ
QRAYLEGTCVDGLRRYLENGKETLQRTDPPKTHMTHHPISDHEATLRCWALGFYPAEITLTWQRDGEDQTQDTELVETRP
AGDGTFQKWAAVVVPSGEEQRYTCHVQHEGLPKPLTLRWEPGSGLNDIFEAQKIEWHAAALEHHHHHH
;
A
2 'polypeptide(L)'
;MIQRTPKIQVYSRHPAENGKSNFLNCYVSGFHPSDIEVDLLKNGERIEKVEHSDLSFSKDWSFYLLYYTEFTPTEKDEYA
CRVNHVTLSQPKIVKWDRDM
;
B
3 'polypeptide(L)' QYIKWPWYI E
#
# COMPACT_ATOMS: atom_id res chain seq x y z
N SER A 7 -4.15 -18.31 -6.49
CA SER A 7 -2.92 -17.55 -6.65
C SER A 7 -2.74 -16.55 -5.52
N HIS A 8 -1.81 -16.85 -4.61
CA HIS A 8 -1.57 -15.98 -3.47
C HIS A 8 -0.13 -15.53 -3.37
N SER A 9 0.09 -14.44 -2.65
CA SER A 9 1.43 -13.87 -2.51
C SER A 9 1.74 -13.41 -1.08
N MET A 10 2.98 -13.61 -0.66
CA MET A 10 3.45 -13.02 0.58
C MET A 10 4.53 -12.00 0.28
N ARG A 11 4.50 -10.89 0.99
CA ARG A 11 5.39 -9.78 0.75
C ARG A 11 5.84 -8.99 1.94
N TYR A 12 7.12 -8.72 2.00
CA TYR A 12 7.67 -7.95 3.09
C TYR A 12 8.24 -6.63 2.61
N PHE A 13 7.90 -5.55 3.29
CA PHE A 13 8.36 -4.24 2.89
C PHE A 13 9.12 -3.60 4.04
N SER A 14 10.39 -3.28 3.80
CA SER A 14 11.21 -2.62 4.80
C SER A 14 11.65 -1.25 4.31
N THR A 15 11.85 -0.33 5.24
CA THR A 15 12.23 1.04 4.88
C THR A 15 13.16 1.62 5.93
N SER A 16 14.39 1.95 5.53
CA SER A 16 15.35 2.57 6.43
C SER A 16 15.58 4.03 6.03
N VAL A 17 15.53 4.94 7.00
CA VAL A 17 15.74 6.35 6.72
C VAL A 17 16.71 7.03 7.69
N SER A 18 17.83 7.53 7.17
CA SER A 18 18.82 8.19 8.00
C SER A 18 18.30 9.54 8.46
N ARG A 19 18.65 9.93 9.68
CA ARG A 19 18.19 11.19 10.23
C ARG A 19 19.32 11.98 10.85
N PRO A 20 20.32 12.39 10.05
CA PRO A 20 21.36 13.22 10.65
C PRO A 20 20.75 14.55 11.09
N GLY A 21 21.10 15.01 12.28
CA GLY A 21 20.53 16.25 12.77
C GLY A 21 19.32 15.99 13.63
N ARG A 22 18.85 14.75 13.59
CA ARG A 22 17.79 14.33 14.50
C ARG A 22 18.23 13.08 15.27
N GLY A 23 19.06 12.25 14.65
CA GLY A 23 19.58 11.06 15.33
C GLY A 23 19.76 9.81 14.47
N GLU A 24 19.84 8.67 15.14
CA GLU A 24 20.03 7.39 14.47
C GLU A 24 18.86 7.10 13.53
N PRO A 25 19.13 6.38 12.42
CA PRO A 25 18.10 6.09 11.42
C PRO A 25 16.86 5.41 11.97
N ARG A 26 15.78 5.48 11.21
CA ARG A 26 14.53 4.81 11.56
C ARG A 26 14.32 3.60 10.65
N PHE A 27 13.88 2.49 11.24
CA PHE A 27 13.62 1.30 10.44
C PHE A 27 12.19 0.80 10.64
N ILE A 28 11.48 0.64 9.52
CA ILE A 28 10.12 0.16 9.53
C ILE A 28 9.97 -1.04 8.60
N ALA A 29 9.32 -2.09 9.07
CA ALA A 29 9.07 -3.25 8.24
C ALA A 29 7.65 -3.71 8.44
N VAL A 30 6.96 -3.98 7.33
CA VAL A 30 5.63 -4.53 7.40
C VAL A 30 5.60 -5.81 6.61
N GLY A 31 4.71 -6.71 6.97
CA GLY A 31 4.53 -7.97 6.25
C GLY A 31 3.11 -8.06 5.78
N TYR A 32 2.93 -8.50 4.55
CA TYR A 32 1.58 -8.63 3.97
C TYR A 32 1.41 -10.02 3.34
N VAL A 33 0.24 -10.57 3.54
CA VAL A 33 -0.15 -11.78 2.75
C VAL A 33 -1.24 -11.18 1.87
N ASP A 34 -1.07 -11.16 0.57
CA ASP A 34 -2.10 -10.55 -0.31
C ASP A 34 -2.36 -9.10 0.10
N ASP A 35 -3.60 -8.73 0.32
CA ASP A 35 -3.91 -7.31 0.59
C ASP A 35 -4.05 -7.07 2.09
N THR A 36 -3.65 -8.05 2.90
CA THR A 36 -3.80 -7.94 4.37
C THR A 36 -2.46 -7.88 5.09
N GLN A 37 -2.17 -6.79 5.78
CA GLN A 37 -1.01 -6.70 6.63
C GLN A 37 -1.22 -7.65 7.80
N PHE A 38 -0.17 -8.37 8.20
CA PHE A 38 -0.29 -9.24 9.36
C PHE A 38 0.82 -9.05 10.37
N VAL A 39 1.76 -8.14 10.11
CA VAL A 39 2.90 -7.98 11.01
C VAL A 39 3.66 -6.67 10.80
N ARG A 40 4.26 -6.15 11.88
CA ARG A 40 5.02 -4.90 11.79
C ARG A 40 6.20 -4.84 12.77
N PHE A 41 7.20 -4.03 12.44
CA PHE A 41 8.26 -3.67 13.37
C PHE A 41 8.71 -2.23 13.17
N ASP A 42 8.56 -1.42 14.21
CA ASP A 42 9.06 -0.05 14.17
C ASP A 42 10.21 0.11 15.18
N SER A 43 11.33 0.63 14.70
CA SER A 43 12.52 0.80 15.55
C SER A 43 12.34 1.95 16.53
N ASP A 44 11.51 2.92 16.14
CA ASP A 44 11.22 4.07 16.99
C ASP A 44 10.21 3.70 18.08
N ALA A 45 9.46 2.64 17.87
CA ALA A 45 8.46 2.21 18.83
C ALA A 45 9.10 1.70 20.12
N ALA A 46 8.33 1.68 21.20
CA ALA A 46 8.84 1.35 22.52
C ALA A 46 9.08 -0.15 22.72
N SER A 47 8.25 -0.98 22.07
CA SER A 47 8.26 -2.42 22.31
C SER A 47 9.57 -3.12 21.91
N GLN A 48 10.18 -2.65 20.81
CA GLN A 48 11.38 -3.28 20.24
C GLN A 48 11.13 -4.74 19.86
N ARG A 49 9.86 -5.08 19.66
CA ARG A 49 9.47 -6.43 19.27
C ARG A 49 8.73 -6.42 17.93
N MET A 50 8.76 -7.54 17.23
CA MET A 50 7.91 -7.69 16.06
C MET A 50 6.48 -7.91 16.53
N GLU A 51 5.56 -7.11 16.00
CA GLU A 51 4.19 -7.14 16.49
C GLU A 51 3.21 -7.69 15.46
N PRO A 52 2.17 -8.37 15.93
CA PRO A 52 1.05 -8.83 15.09
C PRO A 52 0.17 -7.68 14.63
N ARG A 53 -0.45 -7.80 13.45
CA ARG A 53 -1.40 -6.80 12.96
C ARG A 53 -2.63 -7.49 12.37
N ALA A 54 -2.62 -8.82 12.47
CA ALA A 54 -3.76 -9.64 12.09
C ALA A 54 -4.02 -10.64 13.22
N PRO A 55 -5.30 -11.03 13.38
CA PRO A 55 -5.76 -11.94 14.44
C PRO A 55 -5.14 -13.33 14.32
N TRP A 56 -5.01 -13.81 13.07
CA TRP A 56 -4.62 -15.18 12.81
C TRP A 56 -3.13 -15.43 12.92
N ILE A 57 -2.38 -14.42 13.36
CA ILE A 57 -0.94 -14.57 13.46
C ILE A 57 -0.52 -14.60 14.93
N GLU A 58 -1.48 -14.48 15.84
CA GLU A 58 -1.15 -14.31 17.25
C GLU A 58 -0.83 -15.61 18.00
N GLN A 59 -1.34 -16.73 17.51
CA GLN A 59 -1.14 -18.00 18.20
C GLN A 59 0.04 -18.77 17.61
N GLU A 60 0.93 -18.05 16.92
CA GLU A 60 2.28 -18.54 16.75
C GLU A 60 2.95 -18.41 18.13
N GLY A 61 3.98 -19.20 18.38
CA GLY A 61 4.56 -19.25 19.71
C GLY A 61 5.47 -18.10 20.06
N PRO A 62 5.90 -18.06 21.33
CA PRO A 62 6.85 -17.06 21.80
C PRO A 62 8.18 -17.21 21.06
N GLU A 63 8.45 -18.44 20.66
CA GLU A 63 9.66 -18.78 19.91
C GLU A 63 9.63 -18.11 18.55
N TYR A 64 8.50 -18.23 17.87
CA TYR A 64 8.29 -17.55 16.60
C TYR A 64 8.55 -16.05 16.78
N TRP A 65 7.85 -15.43 17.74
CA TRP A 65 8.00 -14.00 17.95
C TRP A 65 9.43 -13.65 18.36
N ASP A 66 10.12 -14.60 18.97
CA ASP A 66 11.51 -14.36 19.36
C ASP A 66 12.39 -14.37 18.12
N GLU A 67 12.18 -15.37 17.28
CA GLU A 67 12.98 -15.51 16.06
C GLU A 67 12.75 -14.32 15.15
N GLU A 68 11.49 -13.98 14.94
CA GLU A 68 11.13 -12.92 14.01
C GLU A 68 11.69 -11.58 14.48
N THR A 69 11.60 -11.31 15.77
CA THR A 69 12.22 -10.12 16.35
C THR A 69 13.71 -10.08 16.02
N GLY A 70 14.40 -11.18 16.28
CA GLY A 70 15.81 -11.28 15.98
C GLY A 70 16.14 -10.98 14.53
N LYS A 71 15.35 -11.53 13.61
CA LYS A 71 15.62 -11.39 12.19
C LYS A 71 15.39 -9.97 11.67
N VAL A 72 14.35 -9.32 12.19
CA VAL A 72 13.99 -7.99 11.72
C VAL A 72 14.88 -6.93 12.37
N LYS A 73 15.37 -7.20 13.57
CA LYS A 73 16.26 -6.26 14.23
C LYS A 73 17.64 -6.38 13.60
N ALA A 74 17.96 -7.59 13.17
CA ALA A 74 19.21 -7.86 12.48
C ALA A 74 19.22 -7.12 11.15
N HIS A 75 18.17 -7.30 10.37
CA HIS A 75 18.04 -6.63 9.10
C HIS A 75 18.16 -5.14 9.36
N SER A 76 17.46 -4.66 10.38
CA SER A 76 17.53 -3.26 10.76
C SER A 76 18.96 -2.76 10.89
N GLN A 77 19.74 -3.45 11.72
CA GLN A 77 21.13 -3.07 11.96
C GLN A 77 21.92 -3.13 10.66
N THR A 78 21.70 -4.18 9.87
CA THR A 78 22.38 -4.36 8.60
C THR A 78 22.14 -3.20 7.65
N ASP A 79 20.89 -2.76 7.54
CA ASP A 79 20.55 -1.70 6.60
C ASP A 79 21.05 -0.34 7.11
N ARG A 80 21.31 -0.24 8.40
CA ARG A 80 21.86 0.99 8.95
C ARG A 80 23.29 1.14 8.42
N GLU A 81 23.99 0.01 8.35
CA GLU A 81 25.35 -0.01 7.82
C GLU A 81 25.36 0.15 6.29
N ASN A 82 24.31 -0.32 5.64
CA ASN A 82 24.23 -0.24 4.19
C ASN A 82 24.02 1.20 3.75
N LEU A 83 23.38 1.99 4.62
CA LEU A 83 23.17 3.41 4.34
C LEU A 83 24.51 4.15 4.35
N ARG A 84 25.42 3.68 5.19
CA ARG A 84 26.76 4.26 5.29
C ARG A 84 27.60 3.89 4.08
N ILE A 85 27.55 2.61 3.71
CA ILE A 85 28.29 2.12 2.54
C ILE A 85 27.82 2.80 1.26
N ALA A 86 26.51 3.01 1.13
CA ALA A 86 25.96 3.72 -0.02
C ALA A 86 26.45 5.16 -0.03
N LEU A 87 26.53 5.75 1.16
CA LEU A 87 26.93 7.14 1.29
C LEU A 87 28.35 7.37 0.76
N ARG A 88 29.19 6.35 0.86
CA ARG A 88 30.55 6.47 0.32
C ARG A 88 30.64 5.93 -1.10
N TYR A 89 29.72 5.03 -1.46
CA TYR A 89 29.58 4.60 -2.84
C TYR A 89 29.28 5.80 -3.74
N TYR A 90 28.33 6.61 -3.31
CA TYR A 90 27.87 7.72 -4.13
C TYR A 90 28.56 9.02 -3.78
N ASN A 91 29.43 8.95 -2.78
CA ASN A 91 30.19 10.12 -2.34
C ASN A 91 29.26 11.27 -1.97
N GLN A 92 28.49 11.08 -0.91
CA GLN A 92 27.51 12.09 -0.50
C GLN A 92 27.76 12.54 0.93
N SER A 93 27.27 13.74 1.24
CA SER A 93 27.48 14.31 2.56
C SER A 93 26.73 13.51 3.62
N GLU A 94 27.16 13.64 4.87
CA GLU A 94 26.49 12.96 5.98
C GLU A 94 25.45 13.84 6.62
N ALA A 95 25.14 14.95 5.95
CA ALA A 95 24.09 15.86 6.42
C ALA A 95 22.77 15.49 5.76
N GLY A 96 22.87 14.82 4.63
CA GLY A 96 21.70 14.39 3.90
C GLY A 96 20.97 13.28 4.63
N SER A 97 19.65 13.28 4.50
CA SER A 97 18.82 12.18 4.95
C SER A 97 18.48 11.30 3.76
N HIS A 98 18.82 10.01 3.85
CA HIS A 98 18.64 9.12 2.71
C HIS A 98 17.73 7.93 3.05
N THR A 99 17.22 7.29 2.01
CA THR A 99 16.28 6.19 2.17
C THR A 99 16.77 4.90 1.49
N LEU A 100 16.76 3.79 2.22
CA LEU A 100 17.06 2.48 1.63
C LEU A 100 15.90 1.52 1.83
N GLN A 101 15.13 1.29 0.76
CA GLN A 101 14.01 0.37 0.84
C GLN A 101 14.38 -1.03 0.34
N MET A 102 13.78 -2.03 0.95
CA MET A 102 13.95 -3.41 0.52
C MET A 102 12.60 -4.12 0.52
N MET A 103 12.25 -4.74 -0.59
CA MET A 103 11.07 -5.59 -0.63
C MET A 103 11.43 -7.00 -1.12
N PHE A 104 10.79 -8.00 -0.53
CA PHE A 104 11.02 -9.40 -0.92
C PHE A 104 9.79 -10.22 -0.62
N GLY A 105 9.69 -11.39 -1.24
CA GLY A 105 8.56 -12.26 -1.01
C GLY A 105 8.38 -13.25 -2.14
N CYS A 106 7.31 -14.03 -2.06
CA CYS A 106 7.07 -15.09 -3.03
C CYS A 106 5.61 -15.20 -3.42
N ASP A 107 5.38 -15.74 -4.59
CA ASP A 107 4.06 -15.98 -5.06
C ASP A 107 3.88 -17.47 -5.16
N VAL A 108 2.77 -17.96 -4.68
CA VAL A 108 2.43 -19.37 -4.85
C VAL A 108 1.16 -19.50 -5.65
N GLY A 109 1.04 -20.62 -6.37
CA GLY A 109 -0.07 -20.84 -7.27
C GLY A 109 -1.31 -21.35 -6.55
N SER A 110 -2.30 -21.76 -7.34
CA SER A 110 -3.55 -22.26 -6.79
C SER A 110 -3.41 -23.65 -6.19
N ASP A 111 -2.35 -24.35 -6.57
CA ASP A 111 -2.09 -25.70 -6.08
C ASP A 111 -1.33 -25.64 -4.77
N GLY A 112 -0.95 -24.42 -4.39
CA GLY A 112 -0.11 -24.18 -3.23
C GLY A 112 1.40 -24.34 -3.52
N ARG A 113 1.86 -24.04 -4.74
CA ARG A 113 3.25 -24.27 -5.09
C ARG A 113 3.90 -23.09 -5.78
N PHE A 114 5.22 -23.11 -5.82
CA PHE A 114 6.04 -21.95 -6.16
C PHE A 114 5.76 -21.40 -7.58
N LEU A 115 5.79 -20.07 -7.67
CA LEU A 115 5.47 -19.35 -8.88
C LEU A 115 6.60 -18.35 -9.11
N ARG A 116 6.61 -17.31 -8.28
CA ARG A 116 7.55 -16.20 -8.40
C ARG A 116 8.30 -16.01 -7.10
N GLY A 117 9.53 -15.52 -7.21
CA GLY A 117 10.30 -15.07 -6.07
C GLY A 117 10.69 -13.63 -6.28
N TYR A 118 10.74 -12.84 -5.21
CA TYR A 118 11.15 -11.44 -5.32
C TYR A 118 12.22 -11.08 -4.30
N HIS A 119 13.22 -10.33 -4.73
CA HIS A 119 14.19 -9.74 -3.82
C HIS A 119 14.72 -8.43 -4.43
N GLN A 120 14.50 -7.33 -3.73
CA GLN A 120 14.69 -6.02 -4.36
C GLN A 120 15.18 -4.90 -3.45
N TYR A 121 16.12 -4.11 -3.98
CA TYR A 121 16.61 -2.92 -3.30
C TYR A 121 16.37 -1.63 -4.06
N ALA A 122 16.15 -0.55 -3.31
CA ALA A 122 16.08 0.79 -3.87
C ALA A 122 16.72 1.82 -2.92
N TYR A 123 17.44 2.78 -3.48
CA TYR A 123 18.06 3.83 -2.69
C TYR A 123 17.53 5.16 -3.17
N ASP A 124 16.91 5.92 -2.28
CA ASP A 124 16.36 7.23 -2.61
C ASP A 124 15.36 7.19 -3.77
N GLY A 125 14.57 6.11 -3.84
CA GLY A 125 13.50 5.99 -4.82
C GLY A 125 13.90 5.43 -6.17
N LYS A 126 15.19 5.30 -6.41
CA LYS A 126 15.67 4.70 -7.66
C LYS A 126 16.12 3.27 -7.40
N ASP A 127 15.95 2.39 -8.39
CA ASP A 127 16.39 1.01 -8.25
C ASP A 127 17.89 0.92 -8.04
N TYR A 128 18.29 0.00 -7.17
CA TYR A 128 19.70 -0.25 -6.90
C TYR A 128 20.08 -1.61 -7.49
N ILE A 129 19.76 -2.67 -6.76
CA ILE A 129 20.03 -4.02 -7.24
C ILE A 129 18.81 -4.90 -7.03
N ALA A 130 18.55 -5.78 -7.98
CA ALA A 130 17.36 -6.60 -7.92
C ALA A 130 17.60 -8.00 -8.46
N LEU A 131 17.26 -9.01 -7.64
CA LEU A 131 17.27 -10.40 -8.08
C LEU A 131 16.32 -10.59 -9.28
N LYS A 132 16.80 -11.23 -10.34
CA LYS A 132 15.97 -11.46 -11.54
C LYS A 132 15.12 -12.74 -11.37
N GLU A 133 13.97 -12.82 -12.03
CA GLU A 133 13.04 -13.93 -11.81
C GLU A 133 13.69 -15.30 -11.80
N ASP A 134 14.70 -15.49 -12.64
CA ASP A 134 15.37 -16.78 -12.74
C ASP A 134 16.07 -17.14 -11.42
N LEU A 135 16.19 -16.14 -10.55
CA LEU A 135 16.71 -16.29 -9.18
C LEU A 135 18.16 -16.77 -9.12
N ARG A 136 18.86 -16.68 -10.24
CA ARG A 136 20.26 -17.06 -10.28
C ARG A 136 21.20 -15.85 -10.43
N SER A 137 20.68 -14.72 -10.92
CA SER A 137 21.53 -13.54 -11.11
C SER A 137 20.87 -12.25 -10.62
N TRP A 138 21.68 -11.19 -10.51
CA TRP A 138 21.20 -9.90 -10.05
C TRP A 138 21.15 -8.89 -11.21
N THR A 139 20.38 -7.82 -11.04
CA THR A 139 20.38 -6.73 -12.02
C THR A 139 20.82 -5.42 -11.36
N ALA A 140 22.07 -5.05 -11.61
CA ALA A 140 22.61 -3.80 -11.08
C ALA A 140 22.16 -2.63 -11.94
N ALA A 141 21.71 -1.55 -11.29
CA ALA A 141 21.09 -0.44 -12.00
C ALA A 141 22.06 0.71 -12.27
N ASP A 142 23.22 0.66 -11.61
CA ASP A 142 24.30 1.61 -11.89
C ASP A 142 25.69 1.01 -11.60
N MET A 143 26.69 1.87 -11.57
CA MET A 143 28.07 1.44 -11.36
C MET A 143 28.29 0.96 -9.91
N ALA A 144 27.65 1.63 -8.95
CA ALA A 144 27.77 1.24 -7.55
C ALA A 144 27.09 -0.10 -7.28
N ALA A 145 25.91 -0.29 -7.85
CA ALA A 145 25.19 -1.55 -7.72
C ALA A 145 25.97 -2.72 -8.35
N GLN A 146 26.84 -2.42 -9.30
CA GLN A 146 27.67 -3.44 -9.94
C GLN A 146 28.80 -3.87 -9.02
N ILE A 147 29.27 -2.95 -8.19
CA ILE A 147 30.21 -3.27 -7.13
C ILE A 147 29.57 -4.28 -6.21
N THR A 148 28.30 -4.03 -5.89
CA THR A 148 27.54 -4.91 -5.02
C THR A 148 27.20 -6.23 -5.70
N LYS A 149 26.89 -6.16 -7.00
CA LYS A 149 26.53 -7.35 -7.76
C LYS A 149 27.66 -8.35 -7.81
N ARG A 150 28.88 -7.86 -8.00
CA ARG A 150 30.03 -8.72 -8.18
C ARG A 150 30.43 -9.37 -6.87
N LYS A 151 30.36 -8.58 -5.80
CA LYS A 151 30.72 -9.04 -4.47
C LYS A 151 29.75 -10.13 -4.00
N TRP A 152 28.48 -9.95 -4.31
CA TRP A 152 27.45 -10.92 -3.96
C TRP A 152 27.54 -12.14 -4.85
N GLU A 153 27.99 -11.95 -6.08
CA GLU A 153 28.07 -13.07 -7.01
C GLU A 153 29.29 -13.93 -6.66
N ALA A 154 30.15 -13.39 -5.79
CA ALA A 154 31.32 -14.14 -5.32
C ALA A 154 31.08 -14.76 -3.95
N ALA A 155 29.91 -14.49 -3.37
CA ALA A 155 29.52 -15.10 -2.10
C ALA A 155 28.30 -15.99 -2.28
N HIS A 156 27.87 -16.14 -3.54
CA HIS A 156 26.78 -17.05 -3.88
C HIS A 156 25.54 -16.72 -3.06
N VAL A 157 25.35 -15.42 -2.88
CA VAL A 157 24.22 -14.86 -2.13
C VAL A 157 22.88 -15.22 -2.79
N ALA A 158 22.86 -15.23 -4.12
CA ALA A 158 21.63 -15.47 -4.86
C ALA A 158 21.09 -16.89 -4.66
N GLU A 159 22.01 -17.83 -4.39
CA GLU A 159 21.63 -19.22 -4.13
C GLU A 159 21.10 -19.34 -2.71
N GLN A 160 21.55 -18.46 -1.83
CA GLN A 160 21.06 -18.44 -0.45
C GLN A 160 19.63 -17.92 -0.43
N GLN A 161 19.35 -17.00 -1.34
CA GLN A 161 18.05 -16.34 -1.39
C GLN A 161 17.05 -17.21 -2.11
N ARG A 162 17.56 -18.01 -3.05
CA ARG A 162 16.75 -19.00 -3.72
C ARG A 162 16.11 -19.91 -2.70
N ALA A 163 16.94 -20.48 -1.85
CA ALA A 163 16.50 -21.47 -0.87
C ALA A 163 15.44 -20.93 0.08
N TYR A 164 15.55 -19.65 0.41
CA TYR A 164 14.54 -18.97 1.22
C TYR A 164 13.27 -18.76 0.41
N LEU A 165 13.41 -18.20 -0.78
CA LEU A 165 12.26 -17.86 -1.60
C LEU A 165 11.48 -19.10 -2.03
N GLU A 166 12.20 -20.13 -2.48
CA GLU A 166 11.56 -21.35 -2.96
C GLU A 166 11.11 -22.24 -1.81
N GLY A 167 11.62 -21.96 -0.60
CA GLY A 167 11.34 -22.80 0.54
C GLY A 167 10.61 -22.11 1.68
N THR A 168 11.39 -21.58 2.61
CA THR A 168 10.88 -20.92 3.82
C THR A 168 9.67 -20.02 3.58
N CYS A 169 9.78 -19.18 2.56
CA CYS A 169 8.73 -18.20 2.25
C CYS A 169 7.42 -18.89 1.87
N VAL A 170 7.50 -19.92 1.05
CA VAL A 170 6.26 -20.57 0.61
C VAL A 170 5.71 -21.45 1.71
N ASP A 171 6.58 -21.91 2.60
CA ASP A 171 6.15 -22.70 3.75
C ASP A 171 5.35 -21.84 4.69
N GLY A 172 5.89 -20.67 5.00
CA GLY A 172 5.20 -19.71 5.85
C GLY A 172 3.90 -19.24 5.22
N LEU A 173 3.97 -18.85 3.96
CA LEU A 173 2.80 -18.33 3.26
C LEU A 173 1.63 -19.31 3.30
N ARG A 174 1.91 -20.58 3.05
CA ARG A 174 0.86 -21.58 3.02
C ARG A 174 0.32 -21.91 4.39
N ARG A 175 1.21 -22.00 5.37
CA ARG A 175 0.80 -22.12 6.76
C ARG A 175 -0.17 -21.01 7.08
N TYR A 176 0.28 -19.78 6.83
CA TYR A 176 -0.51 -18.58 7.11
C TYR A 176 -1.87 -18.63 6.41
N LEU A 177 -1.87 -18.97 5.14
CA LEU A 177 -3.11 -19.07 4.36
C LEU A 177 -4.11 -20.03 5.00
N GLU A 178 -3.60 -21.07 5.66
CA GLU A 178 -4.49 -22.04 6.28
C GLU A 178 -5.01 -21.52 7.61
N ASN A 179 -4.17 -20.78 8.33
CA ASN A 179 -4.56 -20.23 9.63
C ASN A 179 -5.53 -19.07 9.51
N GLY A 180 -5.38 -18.29 8.44
CA GLY A 180 -6.27 -17.18 8.11
C GLY A 180 -7.09 -17.57 6.91
N LYS A 181 -7.53 -18.81 6.87
CA LYS A 181 -8.32 -19.40 5.77
C LYS A 181 -9.66 -18.67 5.61
N GLU A 182 -10.23 -18.21 6.72
CA GLU A 182 -11.52 -17.48 6.80
C GLU A 182 -11.32 -15.98 6.60
N THR A 183 -10.13 -15.52 6.23
CA THR A 183 -10.05 -14.09 5.89
C THR A 183 -9.30 -13.99 4.57
N LEU A 184 -8.20 -14.70 4.47
CA LEU A 184 -7.36 -14.67 3.26
C LEU A 184 -8.03 -15.36 2.07
N GLN A 185 -8.73 -16.45 2.32
CA GLN A 185 -9.22 -17.27 1.19
C GLN A 185 -10.67 -16.98 0.86
N ARG A 186 -11.33 -16.15 1.63
CA ARG A 186 -12.67 -15.70 1.23
C ARG A 186 -12.58 -14.40 0.45
N THR A 187 -13.52 -14.26 -0.46
CA THR A 187 -13.60 -13.11 -1.35
C THR A 187 -14.93 -12.40 -1.16
N ASP A 188 -14.87 -11.21 -0.58
CA ASP A 188 -16.06 -10.37 -0.43
C ASP A 188 -16.37 -9.68 -1.74
N PRO A 189 -17.58 -9.87 -2.28
CA PRO A 189 -17.96 -9.16 -3.50
C PRO A 189 -18.22 -7.68 -3.19
N PRO A 190 -18.09 -6.80 -4.19
CA PRO A 190 -18.40 -5.39 -3.97
C PRO A 190 -19.89 -5.14 -3.82
N LYS A 191 -20.24 -4.29 -2.86
CA LYS A 191 -21.60 -3.80 -2.72
C LYS A 191 -21.74 -2.55 -3.61
N THR A 192 -22.53 -2.67 -4.67
CA THR A 192 -22.58 -1.64 -5.70
C THR A 192 -23.87 -0.86 -5.72
N HIS A 193 -23.75 0.46 -5.87
CA HIS A 193 -24.92 1.30 -6.10
C HIS A 193 -24.54 2.43 -7.06
N MET A 194 -25.54 3.13 -7.59
CA MET A 194 -25.33 4.19 -8.57
C MET A 194 -25.96 5.49 -8.11
N THR A 195 -25.31 6.62 -8.36
CA THR A 195 -25.86 7.90 -7.94
C THR A 195 -26.05 8.87 -9.11
N HIS A 196 -27.04 9.74 -8.98
CA HIS A 196 -27.34 10.74 -10.00
C HIS A 196 -27.15 12.14 -9.45
N HIS A 197 -26.48 13.00 -10.21
CA HIS A 197 -26.04 14.30 -9.71
C HIS A 197 -26.15 15.38 -10.77
N PRO A 198 -27.30 16.05 -10.84
CA PRO A 198 -27.47 17.09 -11.87
C PRO A 198 -26.57 18.30 -11.62
N ILE A 199 -25.73 18.66 -12.59
CA ILE A 199 -24.84 19.81 -12.47
C ILE A 199 -25.30 20.92 -13.39
N SER A 200 -26.38 20.64 -14.11
CA SER A 200 -27.00 21.57 -15.04
C SER A 200 -28.43 21.12 -15.23
N ASP A 201 -29.03 21.53 -16.34
CA ASP A 201 -30.34 21.02 -16.74
C ASP A 201 -30.15 20.26 -18.05
N HIS A 202 -28.90 20.17 -18.48
CA HIS A 202 -28.55 19.47 -19.73
C HIS A 202 -27.58 18.33 -19.46
N GLU A 203 -26.65 18.54 -18.53
CA GLU A 203 -25.70 17.50 -18.13
C GLU A 203 -25.93 17.04 -16.70
N ALA A 204 -25.49 15.83 -16.39
CA ALA A 204 -25.64 15.27 -15.04
C ALA A 204 -24.56 14.23 -14.78
N THR A 205 -24.07 14.19 -13.54
CA THR A 205 -23.02 13.25 -13.18
C THR A 205 -23.60 11.92 -12.69
N LEU A 206 -23.19 10.83 -13.34
CA LEU A 206 -23.61 9.50 -12.98
C LEU A 206 -22.41 8.79 -12.35
N ARG A 207 -22.58 8.26 -11.13
CA ARG A 207 -21.43 7.70 -10.41
C ARG A 207 -21.64 6.27 -9.91
N CYS A 208 -20.75 5.37 -10.33
CA CYS A 208 -20.90 3.96 -10.01
C CYS A 208 -19.98 3.53 -8.86
N TRP A 209 -20.59 3.04 -7.79
CA TRP A 209 -19.85 2.75 -6.56
C TRP A 209 -19.52 1.28 -6.39
N ALA A 210 -18.42 1.01 -5.70
CA ALA A 210 -18.04 -0.34 -5.32
C ALA A 210 -17.41 -0.34 -3.92
N LEU A 211 -18.19 -0.74 -2.93
CA LEU A 211 -17.74 -0.68 -1.54
C LEU A 211 -17.65 -2.05 -0.87
N GLY A 212 -16.79 -2.14 0.15
CA GLY A 212 -16.70 -3.33 0.98
C GLY A 212 -16.23 -4.60 0.30
N PHE A 213 -15.32 -4.47 -0.65
CA PHE A 213 -14.83 -5.67 -1.34
C PHE A 213 -13.41 -6.06 -0.95
N TYR A 214 -13.10 -7.33 -1.17
CA TYR A 214 -11.76 -7.89 -0.93
C TYR A 214 -11.63 -9.17 -1.74
N PRO A 215 -10.49 -9.37 -2.41
CA PRO A 215 -9.29 -8.53 -2.51
C PRO A 215 -9.49 -7.22 -3.27
N ALA A 216 -8.41 -6.47 -3.46
CA ALA A 216 -8.47 -5.07 -3.92
C ALA A 216 -8.58 -4.93 -5.42
N GLU A 217 -8.13 -5.93 -6.16
CA GLU A 217 -8.25 -5.89 -7.61
C GLU A 217 -9.73 -5.87 -8.00
N ILE A 218 -10.11 -4.83 -8.74
CA ILE A 218 -11.49 -4.56 -9.14
C ILE A 218 -11.43 -3.98 -10.55
N THR A 219 -12.55 -3.93 -11.25
CA THR A 219 -12.58 -3.24 -12.54
C THR A 219 -13.95 -2.59 -12.74
N LEU A 220 -13.96 -1.27 -12.71
CA LEU A 220 -15.17 -0.48 -12.95
C LEU A 220 -15.08 0.20 -14.30
N THR A 221 -16.04 -0.07 -15.17
CA THR A 221 -16.04 0.52 -16.49
C THR A 221 -17.40 1.16 -16.79
N TRP A 222 -17.40 2.15 -17.67
CA TRP A 222 -18.63 2.77 -18.14
C TRP A 222 -18.82 2.53 -19.63
N GLN A 223 -20.05 2.24 -20.04
CA GLN A 223 -20.32 2.07 -21.47
C GLN A 223 -21.48 2.94 -21.93
N ARG A 224 -21.42 3.38 -23.17
CA ARG A 224 -22.57 4.01 -23.82
C ARG A 224 -22.92 3.23 -25.07
N ASP A 225 -24.03 2.48 -25.00
CA ASP A 225 -24.50 1.65 -26.10
C ASP A 225 -23.51 0.54 -26.47
N GLY A 226 -22.83 0.00 -25.45
CA GLY A 226 -21.93 -1.11 -25.65
C GLY A 226 -20.52 -0.66 -25.96
N GLU A 227 -20.37 0.60 -26.33
CA GLU A 227 -19.07 1.17 -26.63
C GLU A 227 -18.48 1.83 -25.39
N ASP A 228 -17.29 1.42 -25.01
CA ASP A 228 -16.64 1.93 -23.83
C ASP A 228 -16.46 3.40 -23.85
N GLN A 229 -16.56 3.98 -22.67
CA GLN A 229 -16.46 5.38 -22.52
C GLN A 229 -15.36 5.79 -21.64
N THR A 230 -14.15 5.35 -21.93
CA THR A 230 -12.99 5.69 -21.12
C THR A 230 -12.38 7.07 -21.31
N GLN A 231 -12.92 7.81 -22.25
CA GLN A 231 -12.47 9.13 -22.58
C GLN A 231 -13.27 10.17 -21.85
N ASP A 232 -14.36 9.79 -21.26
CA ASP A 232 -15.17 10.71 -20.58
C ASP A 232 -15.36 10.23 -19.18
N THR A 233 -14.62 9.23 -18.79
CA THR A 233 -14.81 8.64 -17.45
C THR A 233 -13.79 9.14 -16.43
N GLU A 234 -14.22 9.44 -15.23
CA GLU A 234 -13.30 9.85 -14.17
C GLU A 234 -13.19 8.69 -13.20
N LEU A 235 -11.98 8.20 -12.97
CA LEU A 235 -11.76 7.03 -12.11
C LEU A 235 -10.84 7.46 -10.99
N VAL A 236 -11.09 6.93 -9.80
CA VAL A 236 -10.25 7.15 -8.63
C VAL A 236 -9.48 5.89 -8.27
N GLU A 237 -8.35 6.06 -7.59
CA GLU A 237 -7.55 4.91 -7.17
C GLU A 237 -8.33 4.08 -6.16
N THR A 238 -8.18 2.77 -6.25
CA THR A 238 -8.72 1.87 -5.23
C THR A 238 -8.07 2.23 -3.90
N ARG A 239 -8.87 2.23 -2.84
CA ARG A 239 -8.44 2.80 -1.57
C ARG A 239 -8.96 1.98 -0.39
N PRO A 240 -8.18 1.94 0.70
CA PRO A 240 -8.62 1.15 1.87
C PRO A 240 -9.78 1.83 2.61
N ALA A 241 -10.82 1.07 2.92
CA ALA A 241 -11.92 1.61 3.71
C ALA A 241 -11.53 1.70 5.19
N GLY A 242 -10.61 0.85 5.62
CA GLY A 242 -10.17 0.84 7.00
C GLY A 242 -10.64 -0.35 7.82
N ASP A 243 -11.46 -1.22 7.22
CA ASP A 243 -11.94 -2.41 7.92
C ASP A 243 -11.41 -3.70 7.29
N GLY A 244 -10.52 -3.55 6.31
CA GLY A 244 -10.00 -4.70 5.59
C GLY A 244 -10.62 -4.83 4.21
N THR A 245 -11.50 -3.90 3.88
CA THR A 245 -12.16 -3.90 2.59
C THR A 245 -11.80 -2.65 1.81
N PHE A 246 -12.03 -2.67 0.50
CA PHE A 246 -11.61 -1.56 -0.34
C PHE A 246 -12.78 -0.91 -1.06
N GLN A 247 -12.56 0.34 -1.50
CA GLN A 247 -13.57 1.10 -2.20
C GLN A 247 -13.06 1.56 -3.57
N LYS A 248 -14.00 1.82 -4.47
CA LYS A 248 -13.67 2.46 -5.74
C LYS A 248 -14.94 2.98 -6.39
N TRP A 249 -14.83 4.09 -7.12
CA TRP A 249 -15.94 4.56 -7.93
C TRP A 249 -15.47 5.12 -9.27
N ALA A 250 -16.39 5.13 -10.23
CA ALA A 250 -16.17 5.69 -11.55
C ALA A 250 -17.35 6.57 -11.93
N ALA A 251 -17.07 7.78 -12.39
CA ALA A 251 -18.13 8.70 -12.72
C ALA A 251 -18.07 9.12 -14.18
N VAL A 252 -19.22 9.50 -14.71
CA VAL A 252 -19.29 9.95 -16.08
C VAL A 252 -20.33 11.05 -16.16
N VAL A 253 -20.12 12.01 -17.06
CA VAL A 253 -21.09 13.09 -17.23
C VAL A 253 -21.94 12.82 -18.47
N VAL A 254 -23.24 12.76 -18.25
CA VAL A 254 -24.18 12.36 -19.30
C VAL A 254 -25.16 13.49 -19.64
N PRO A 255 -25.44 13.68 -20.93
CA PRO A 255 -26.50 14.61 -21.36
C PRO A 255 -27.87 14.13 -20.89
N SER A 256 -28.69 15.05 -20.38
CA SER A 256 -30.02 14.72 -19.84
C SER A 256 -30.91 14.01 -20.85
N GLY A 257 -31.34 12.79 -20.49
CA GLY A 257 -32.16 11.99 -21.37
C GLY A 257 -31.46 10.74 -21.88
N GLU A 258 -30.13 10.78 -21.89
CA GLU A 258 -29.32 9.67 -22.36
C GLU A 258 -28.78 8.84 -21.20
N GLU A 259 -29.44 8.93 -20.05
CA GLU A 259 -28.93 8.31 -18.82
C GLU A 259 -29.09 6.80 -18.83
N GLN A 260 -30.06 6.30 -19.61
CA GLN A 260 -30.35 4.87 -19.62
C GLN A 260 -29.51 4.11 -20.65
N ARG A 261 -28.93 4.85 -21.58
CA ARG A 261 -28.03 4.29 -22.58
C ARG A 261 -26.66 3.98 -21.97
N TYR A 262 -26.48 4.40 -20.72
CA TYR A 262 -25.23 4.21 -20.02
C TYR A 262 -25.29 3.01 -19.10
N THR A 263 -24.19 2.25 -19.05
CA THR A 263 -24.09 1.08 -18.19
C THR A 263 -22.78 1.06 -17.39
N CYS A 264 -22.86 0.72 -16.11
CA CYS A 264 -21.66 0.58 -15.30
C CYS A 264 -21.31 -0.90 -15.12
N HIS A 265 -20.03 -1.23 -15.31
CA HIS A 265 -19.61 -2.63 -15.47
C HIS A 265 -18.56 -3.05 -14.45
N VAL A 266 -18.92 -4.01 -13.59
CA VAL A 266 -18.07 -4.36 -12.45
C VAL A 266 -17.49 -5.77 -12.53
N GLN A 267 -16.17 -5.87 -12.35
CA GLN A 267 -15.50 -7.17 -12.35
C GLN A 267 -14.72 -7.44 -11.07
N HIS A 268 -15.08 -8.50 -10.36
CA HIS A 268 -14.39 -8.87 -9.13
C HIS A 268 -14.36 -10.39 -8.97
N GLU A 269 -13.36 -10.88 -8.23
CA GLU A 269 -13.24 -12.31 -7.93
C GLU A 269 -14.47 -12.85 -7.21
N GLY A 270 -15.04 -12.03 -6.32
CA GLY A 270 -16.15 -12.45 -5.48
C GLY A 270 -17.52 -12.39 -6.12
N LEU A 271 -17.55 -12.10 -7.41
CA LEU A 271 -18.78 -12.18 -8.17
C LEU A 271 -18.73 -13.42 -9.04
N PRO A 272 -19.84 -14.17 -9.11
CA PRO A 272 -19.92 -15.34 -9.99
C PRO A 272 -19.59 -14.94 -11.43
N LYS A 273 -20.25 -13.87 -11.88
CA LYS A 273 -20.03 -13.27 -13.20
C LYS A 273 -20.13 -11.74 -13.06
N PRO A 274 -19.69 -10.98 -14.09
CA PRO A 274 -19.75 -9.51 -14.05
C PRO A 274 -21.10 -8.92 -13.67
N LEU A 275 -21.09 -7.64 -13.30
CA LEU A 275 -22.31 -6.87 -13.05
C LEU A 275 -22.53 -5.85 -14.15
N THR A 276 -23.78 -5.66 -14.53
CA THR A 276 -24.15 -4.54 -15.37
C THR A 276 -25.19 -3.70 -14.63
N LEU A 277 -24.86 -2.44 -14.37
CA LEU A 277 -25.75 -1.57 -13.62
C LEU A 277 -26.37 -0.48 -14.51
N ARG A 278 -27.69 -0.33 -14.42
CA ARG A 278 -28.39 0.74 -15.14
C ARG A 278 -29.20 1.62 -14.19
N TRP A 279 -29.23 2.91 -14.47
CA TRP A 279 -29.92 3.89 -13.63
C TRP A 279 -31.45 3.82 -13.78
N GLU A 280 -32.15 3.78 -12.64
CA GLU A 280 -33.60 4.00 -12.61
C GLU A 280 -34.00 4.91 -11.46
N MET B 1 17.87 12.17 -6.50
CA MET B 1 16.80 11.39 -5.86
C MET B 1 15.49 11.52 -6.62
N ILE B 2 14.71 10.45 -6.63
CA ILE B 2 13.42 10.46 -7.30
C ILE B 2 12.31 10.80 -6.31
N GLN B 3 12.09 12.10 -6.11
CA GLN B 3 10.99 12.54 -5.26
C GLN B 3 9.64 12.37 -5.99
N ARG B 4 8.64 11.92 -5.25
CA ARG B 4 7.32 11.65 -5.80
C ARG B 4 6.27 12.47 -5.06
N THR B 5 5.37 13.11 -5.79
CA THR B 5 4.36 13.95 -5.17
C THR B 5 3.14 13.10 -4.78
N PRO B 6 2.61 13.34 -3.57
CA PRO B 6 1.54 12.48 -3.05
C PRO B 6 0.20 12.68 -3.74
N LYS B 7 -0.46 11.58 -4.11
CA LYS B 7 -1.86 11.61 -4.52
C LYS B 7 -2.71 11.50 -3.27
N ILE B 8 -3.74 12.35 -3.18
CA ILE B 8 -4.53 12.44 -1.95
C ILE B 8 -6.00 12.13 -2.19
N GLN B 9 -6.59 11.37 -1.28
CA GLN B 9 -8.03 11.15 -1.29
C GLN B 9 -8.62 11.27 0.12
N VAL B 10 -9.73 11.99 0.24
CA VAL B 10 -10.45 12.03 1.51
C VAL B 10 -11.87 11.47 1.32
N TYR B 11 -12.23 10.53 2.17
CA TYR B 11 -13.47 9.80 2.05
C TYR B 11 -13.89 9.22 3.39
N SER B 12 -15.10 8.67 3.44
CA SER B 12 -15.60 8.02 4.64
C SER B 12 -15.56 6.51 4.47
N ARG B 13 -15.32 5.81 5.57
CA ARG B 13 -15.26 4.35 5.56
C ARG B 13 -16.56 3.75 5.05
N HIS B 14 -17.67 4.28 5.55
CA HIS B 14 -19.01 3.86 5.13
C HIS B 14 -19.74 5.01 4.47
N PRO B 15 -20.75 4.69 3.65
CA PRO B 15 -21.58 5.75 3.06
C PRO B 15 -22.15 6.67 4.12
N ALA B 16 -21.92 7.97 3.97
CA ALA B 16 -22.23 8.95 5.01
C ALA B 16 -23.72 8.99 5.32
N GLU B 17 -24.03 8.96 6.61
CA GLU B 17 -25.40 9.10 7.08
C GLU B 17 -25.44 10.09 8.24
N ASN B 18 -26.18 11.18 8.04
CA ASN B 18 -26.22 12.27 8.99
C ASN B 18 -26.51 11.84 10.42
N GLY B 19 -25.60 12.15 11.32
CA GLY B 19 -25.77 11.84 12.72
C GLY B 19 -25.23 10.49 13.12
N LYS B 20 -24.91 9.65 12.13
CA LYS B 20 -24.40 8.33 12.42
C LYS B 20 -22.88 8.32 12.45
N SER B 21 -22.31 7.60 13.41
CA SER B 21 -20.87 7.52 13.55
C SER B 21 -20.23 6.80 12.37
N ASN B 22 -19.03 7.25 12.01
CA ASN B 22 -18.31 6.74 10.86
C ASN B 22 -16.82 7.01 11.06
N PHE B 23 -16.01 6.73 10.05
CA PHE B 23 -14.59 7.05 10.12
C PHE B 23 -14.17 7.94 8.97
N LEU B 24 -13.43 9.01 9.28
CA LEU B 24 -12.90 9.87 8.23
C LEU B 24 -11.56 9.34 7.77
N ASN B 25 -11.43 9.12 6.48
CA ASN B 25 -10.20 8.56 5.93
C ASN B 25 -9.42 9.57 5.12
N CYS B 26 -8.10 9.56 5.27
CA CYS B 26 -7.27 10.32 4.36
C CYS B 26 -6.13 9.44 3.86
N TYR B 27 -6.23 9.06 2.59
CA TYR B 27 -5.28 8.15 1.95
C TYR B 27 -4.29 8.95 1.12
N VAL B 28 -3.05 9.02 1.61
CA VAL B 28 -1.96 9.58 0.83
C VAL B 28 -1.15 8.44 0.23
N SER B 29 -0.93 8.49 -1.07
CA SER B 29 -0.20 7.41 -1.74
C SER B 29 0.72 7.95 -2.82
N GLY B 30 1.54 7.07 -3.39
CA GLY B 30 2.41 7.42 -4.49
C GLY B 30 3.40 8.54 -4.25
N PHE B 31 3.88 8.68 -3.02
CA PHE B 31 4.83 9.75 -2.68
C PHE B 31 6.21 9.25 -2.27
N HIS B 32 7.18 10.16 -2.30
CA HIS B 32 8.55 9.87 -1.92
C HIS B 32 9.29 11.18 -1.66
N PRO B 33 10.03 11.29 -0.53
CA PRO B 33 10.29 10.30 0.50
C PRO B 33 9.16 10.17 1.51
N SER B 34 9.39 9.36 2.54
CA SER B 34 8.35 8.98 3.49
C SER B 34 7.82 10.11 4.38
N ASP B 35 8.67 11.04 4.76
CA ASP B 35 8.27 12.12 5.69
C ASP B 35 7.11 12.91 5.12
N ILE B 36 6.02 13.00 5.88
CA ILE B 36 4.80 13.63 5.37
C ILE B 36 3.91 14.13 6.52
N GLU B 37 3.24 15.25 6.33
CA GLU B 37 2.35 15.79 7.36
C GLU B 37 0.89 15.71 6.93
N VAL B 38 0.15 14.81 7.55
CA VAL B 38 -1.26 14.66 7.24
C VAL B 38 -2.15 14.99 8.45
N ASP B 39 -3.04 15.93 8.27
CA ASP B 39 -3.95 16.26 9.31
C ASP B 39 -5.39 16.23 8.83
N LEU B 40 -6.31 15.87 9.69
CA LEU B 40 -7.71 15.86 9.36
C LEU B 40 -8.34 17.08 9.98
N LEU B 41 -9.16 17.78 9.25
CA LEU B 41 -9.75 18.97 9.79
C LEU B 41 -11.22 18.91 9.97
N LYS B 42 -11.69 19.58 11.01
CA LYS B 42 -13.08 19.71 11.33
C LYS B 42 -13.30 21.16 11.60
N ASN B 43 -13.85 21.83 10.59
CA ASN B 43 -14.14 23.24 10.53
C ASN B 43 -12.91 24.10 10.60
N GLY B 44 -11.85 23.59 10.01
CA GLY B 44 -10.60 24.27 9.96
C GLY B 44 -9.63 23.92 11.02
N GLU B 45 -10.10 23.42 12.13
CA GLU B 45 -9.24 23.03 13.21
C GLU B 45 -8.90 21.59 13.03
N ARG B 46 -7.66 21.23 13.29
CA ARG B 46 -7.18 19.90 13.12
C ARG B 46 -7.71 19.02 14.18
N ILE B 47 -8.11 17.83 13.80
CA ILE B 47 -8.62 16.84 14.72
C ILE B 47 -7.46 16.22 15.46
N GLU B 48 -7.67 15.99 16.72
CA GLU B 48 -6.66 15.46 17.54
C GLU B 48 -6.82 13.96 17.64
N LYS B 49 -5.75 13.26 17.95
CA LYS B 49 -5.74 11.82 18.05
C LYS B 49 -6.15 11.07 16.79
N VAL B 50 -5.60 11.46 15.67
CA VAL B 50 -5.87 10.81 14.41
C VAL B 50 -4.83 9.73 14.26
N GLU B 51 -5.21 8.54 13.85
CA GLU B 51 -4.24 7.48 13.72
C GLU B 51 -3.84 7.21 12.32
N HIS B 52 -2.78 6.48 12.12
CA HIS B 52 -2.37 6.16 10.75
C HIS B 52 -1.83 4.74 10.65
N SER B 53 -1.96 4.17 9.45
CA SER B 53 -1.47 2.84 9.18
C SER B 53 0.06 2.77 9.23
N ASP B 54 0.60 1.56 9.24
CA ASP B 54 2.06 1.37 9.23
C ASP B 54 2.62 1.75 7.87
N LEU B 55 3.80 2.35 7.87
CA LEU B 55 4.43 2.78 6.62
C LEU B 55 4.76 1.60 5.70
N SER B 56 4.00 1.49 4.61
CA SER B 56 4.26 0.50 3.57
C SER B 56 4.48 1.21 2.24
N PHE B 57 4.82 0.45 1.20
CA PHE B 57 4.98 1.05 -0.12
C PHE B 57 4.67 0.09 -1.27
N SER B 58 4.65 0.66 -2.48
CA SER B 58 4.26 -0.10 -3.67
C SER B 58 5.44 -0.71 -4.42
N LYS B 59 5.14 -1.24 -5.60
CA LYS B 59 6.14 -1.92 -6.40
C LYS B 59 7.03 -0.89 -7.07
N ASP B 60 6.52 0.33 -7.20
CA ASP B 60 7.30 1.43 -7.73
C ASP B 60 7.93 2.21 -6.59
N TRP B 61 7.97 1.58 -5.42
CA TRP B 61 8.66 2.09 -4.23
C TRP B 61 8.04 3.32 -3.59
N SER B 62 6.91 3.78 -4.11
CA SER B 62 6.28 4.97 -3.54
C SER B 62 5.47 4.58 -2.31
N PHE B 63 5.47 5.45 -1.31
CA PHE B 63 4.84 5.13 -0.04
C PHE B 63 3.35 5.41 -0.04
N TYR B 64 2.65 4.79 0.90
CA TYR B 64 1.25 5.11 1.13
C TYR B 64 0.90 4.95 2.60
N LEU B 65 -0.05 5.76 3.05
CA LEU B 65 -0.52 5.71 4.43
C LEU B 65 -2.00 5.96 4.45
N LEU B 66 -2.66 5.52 5.52
CA LEU B 66 -4.06 5.88 5.72
C LEU B 66 -4.22 6.54 7.08
N TYR B 67 -4.70 7.77 7.08
CA TYR B 67 -4.99 8.47 8.33
C TYR B 67 -6.49 8.36 8.59
N TYR B 68 -6.88 8.23 9.85
CA TYR B 68 -8.30 8.07 10.18
C TYR B 68 -8.69 8.45 11.63
N THR B 69 -9.94 8.88 11.79
CA THR B 69 -10.58 9.07 13.10
C THR B 69 -12.05 8.72 13.07
N GLU B 70 -12.61 8.46 14.26
CA GLU B 70 -14.04 8.45 14.42
C GLU B 70 -14.56 9.85 14.12
N PHE B 71 -15.72 9.93 13.48
CA PHE B 71 -16.33 11.22 13.19
C PHE B 71 -17.78 11.00 12.82
N THR B 72 -18.64 11.94 13.22
CA THR B 72 -20.05 11.86 12.92
C THR B 72 -20.44 12.97 11.96
N PRO B 73 -20.63 12.63 10.68
CA PRO B 73 -20.95 13.65 9.67
C PRO B 73 -22.32 14.27 9.90
N THR B 74 -22.34 15.58 10.05
CA THR B 74 -23.59 16.32 10.03
C THR B 74 -23.64 17.02 8.68
N GLU B 75 -24.75 17.68 8.38
CA GLU B 75 -24.93 18.24 7.05
C GLU B 75 -24.34 19.63 6.98
N LYS B 76 -24.00 20.17 8.14
CA LYS B 76 -23.48 21.55 8.22
C LYS B 76 -21.96 21.61 8.48
N ASP B 77 -21.40 20.56 9.06
CA ASP B 77 -19.98 20.55 9.40
C ASP B 77 -19.13 20.18 8.19
N GLU B 78 -18.05 20.92 7.99
CA GLU B 78 -17.11 20.65 6.89
C GLU B 78 -15.89 19.87 7.38
N TYR B 79 -15.50 18.86 6.63
CA TYR B 79 -14.30 18.10 6.96
C TYR B 79 -13.29 18.17 5.83
N ALA B 80 -12.00 18.15 6.17
CA ALA B 80 -10.98 18.24 5.15
C ALA B 80 -9.73 17.44 5.51
N CYS B 81 -8.77 17.43 4.59
CA CYS B 81 -7.50 16.77 4.81
C CYS B 81 -6.37 17.67 4.32
N ARG B 82 -5.47 18.03 5.25
CA ARG B 82 -4.34 18.89 4.88
C ARG B 82 -3.04 18.13 4.83
N VAL B 83 -2.44 18.08 3.64
CA VAL B 83 -1.21 17.34 3.44
C VAL B 83 -0.08 18.28 3.05
N ASN B 84 1.07 18.15 3.73
CA ASN B 84 2.26 18.88 3.31
C ASN B 84 3.47 17.95 3.19
N HIS B 85 4.18 18.09 2.09
CA HIS B 85 5.27 17.21 1.73
C HIS B 85 6.45 18.07 1.29
N VAL B 86 7.58 17.45 0.94
CA VAL B 86 8.75 18.18 0.48
C VAL B 86 8.57 18.60 -0.99
N THR B 87 7.75 17.87 -1.73
CA THR B 87 7.52 18.18 -3.13
C THR B 87 6.49 19.29 -3.28
N LEU B 88 5.64 19.42 -2.26
CA LEU B 88 4.63 20.48 -2.23
C LEU B 88 5.23 21.79 -1.72
N SER B 89 4.99 22.88 -2.45
CA SER B 89 5.59 24.18 -2.13
C SER B 89 4.87 24.83 -0.96
N GLN B 90 3.57 24.61 -0.90
CA GLN B 90 2.77 24.97 0.26
C GLN B 90 1.71 23.89 0.45
N PRO B 91 1.18 23.75 1.69
CA PRO B 91 0.21 22.68 2.00
C PRO B 91 -0.91 22.53 1.00
N LYS B 92 -1.32 21.28 0.76
CA LYS B 92 -2.48 21.00 -0.07
C LYS B 92 -3.65 20.58 0.81
N ILE B 93 -4.80 21.21 0.60
CA ILE B 93 -6.01 20.89 1.36
C ILE B 93 -7.09 20.33 0.43
N VAL B 94 -7.67 19.20 0.81
CA VAL B 94 -8.71 18.60 0.01
C VAL B 94 -9.97 18.37 0.86
N LYS B 95 -11.12 18.79 0.34
CA LYS B 95 -12.37 18.75 1.07
C LYS B 95 -13.08 17.41 0.96
N TRP B 96 -13.76 17.02 2.04
CA TRP B 96 -14.51 15.79 2.04
C TRP B 96 -15.83 15.98 1.31
N ASP B 97 -16.21 15.00 0.53
CA ASP B 97 -17.47 15.02 -0.21
C ASP B 97 -18.05 13.61 -0.18
N ARG B 98 -19.27 13.49 0.35
CA ARG B 98 -19.85 12.17 0.61
C ARG B 98 -20.14 11.40 -0.66
N ASP B 99 -19.98 12.04 -1.81
CA ASP B 99 -20.04 11.34 -3.08
C ASP B 99 -18.80 11.67 -3.91
N MET B 100 -18.01 12.62 -3.41
CA MET B 100 -16.65 12.93 -3.90
C MET B 100 -16.59 13.75 -5.20
N GLN C 1 7.52 -16.29 6.98
CA GLN C 1 8.37 -15.74 8.02
C GLN C 1 9.52 -14.93 7.44
N TYR C 2 10.07 -14.04 8.26
CA TYR C 2 11.12 -13.11 7.80
C TYR C 2 12.39 -13.82 7.36
N ILE C 3 13.14 -13.08 6.58
CA ILE C 3 14.42 -13.46 5.95
C ILE C 3 15.57 -13.36 6.93
N LYS C 4 16.65 -14.07 6.64
CA LYS C 4 17.90 -14.04 7.42
C LYS C 4 18.96 -13.56 6.45
N TRP C 5 18.83 -12.30 6.10
CA TRP C 5 19.74 -11.63 5.16
C TRP C 5 20.61 -10.64 5.94
N PRO C 6 21.92 -10.89 6.04
CA PRO C 6 22.83 -10.03 6.74
C PRO C 6 23.86 -9.34 5.85
N TRP C 7 23.66 -9.42 4.58
CA TRP C 7 24.60 -8.94 3.61
C TRP C 7 24.77 -7.47 3.39
N TYR C 8 26.01 -7.04 3.46
CA TYR C 8 26.37 -5.71 3.23
C TYR C 8 26.45 -5.57 1.75
N ILE C 9 26.23 -4.34 1.37
CA ILE C 9 26.14 -3.88 0.06
C ILE C 9 27.46 -3.27 -0.21
#